data_1TBP
#
_entry.id   1TBP
#
_cell.length_a   104.100
_cell.length_b   104.100
_cell.length_c   75.500
_cell.angle_alpha   90.00
_cell.angle_beta   90.00
_cell.angle_gamma   120.00
#
_symmetry.space_group_name_H-M   'P 31 2 1'
#
_entity_poly.entity_id   1
_entity_poly.type   'polypeptide(L)'
_entity_poly.pdbx_seq_one_letter_code
;MGIVPTLQNIVATVTLGCRLDLKTVALHARNAEYNPKRFAAVIMRIREPKTTALIFASGKMVVTGAKSEDDSKLASRKYA
RIIQKIGFAAKFTDFKIQNIVGSCDVKFPIRLEGLAFSHGTFSSYEPELFPGLIYRMVKPKIVLLIFVSGKIVLTGAKQR
EEIYQAFEAIYPVLSEFRKM
;
_entity_poly.pdbx_strand_id   A,B
#
# COMPACT_ATOMS: atom_id res chain seq x y z
N MET A 1 13.23 -2.64 -26.14
CA MET A 1 12.52 -3.62 -25.24
C MET A 1 11.98 -2.97 -23.97
N GLY A 2 12.58 -1.82 -23.62
CA GLY A 2 12.30 -1.10 -22.40
C GLY A 2 10.98 -0.72 -21.76
N ILE A 3 10.78 -1.20 -20.53
CA ILE A 3 9.62 -0.91 -19.67
C ILE A 3 10.28 -0.24 -18.45
N VAL A 4 9.93 1.02 -18.19
CA VAL A 4 10.48 1.78 -17.06
C VAL A 4 9.39 2.63 -16.44
N PRO A 5 9.44 2.82 -15.11
CA PRO A 5 8.44 3.61 -14.37
C PRO A 5 8.44 5.08 -14.73
N THR A 6 7.26 5.70 -14.77
CA THR A 6 7.18 7.13 -15.04
C THR A 6 6.84 7.77 -13.73
N LEU A 7 7.21 9.04 -13.54
CA LEU A 7 6.89 9.72 -12.29
C LEU A 7 5.56 10.41 -12.48
N GLN A 8 4.61 10.11 -11.61
CA GLN A 8 3.27 10.66 -11.69
C GLN A 8 3.06 11.89 -10.84
N ASN A 9 3.78 11.98 -9.74
CA ASN A 9 3.64 13.14 -8.87
C ASN A 9 4.69 13.20 -7.78
N ILE A 10 5.24 14.39 -7.59
CA ILE A 10 6.25 14.65 -6.59
C ILE A 10 5.69 15.69 -5.64
N VAL A 11 5.62 15.36 -4.35
CA VAL A 11 5.13 16.29 -3.36
C VAL A 11 6.34 16.82 -2.63
N ALA A 12 6.65 18.09 -2.84
CA ALA A 12 7.82 18.69 -2.22
C ALA A 12 7.43 19.78 -1.24
N THR A 13 8.29 19.98 -0.25
CA THR A 13 8.06 20.98 0.76
C THR A 13 9.32 21.82 0.81
N VAL A 14 9.18 23.12 0.62
CA VAL A 14 10.33 24.02 0.68
C VAL A 14 9.93 25.21 1.55
N THR A 15 10.90 25.80 2.25
CA THR A 15 10.62 26.93 3.13
C THR A 15 11.24 28.27 2.72
N LEU A 16 10.38 29.26 2.53
CA LEU A 16 10.80 30.61 2.19
C LEU A 16 11.05 31.20 3.58
N GLY A 17 12.22 30.89 4.15
CA GLY A 17 12.56 31.36 5.49
C GLY A 17 12.26 32.83 5.82
N CYS A 18 11.00 33.13 6.15
CA CYS A 18 10.55 34.48 6.50
C CYS A 18 9.07 34.43 6.80
N ARG A 19 8.59 35.36 7.63
CA ARG A 19 7.18 35.40 7.97
C ARG A 19 6.39 35.86 6.75
N LEU A 20 5.15 35.38 6.60
CA LEU A 20 4.31 35.75 5.45
C LEU A 20 2.89 36.16 5.82
N ASP A 21 2.49 37.36 5.43
CA ASP A 21 1.16 37.85 5.74
C ASP A 21 0.13 37.30 4.74
N LEU A 22 -0.26 36.05 4.95
CA LEU A 22 -1.20 35.34 4.07
C LEU A 22 -2.40 36.12 3.51
N LYS A 23 -2.98 37.03 4.28
CA LYS A 23 -4.13 37.80 3.79
C LYS A 23 -3.67 38.64 2.61
N THR A 24 -2.61 39.40 2.86
CA THR A 24 -1.99 40.28 1.87
C THR A 24 -1.69 39.62 0.52
N VAL A 25 -0.82 38.61 0.57
CA VAL A 25 -0.37 37.87 -0.59
C VAL A 25 -1.50 37.16 -1.32
N ALA A 26 -2.62 36.96 -0.63
CA ALA A 26 -3.76 36.32 -1.27
C ALA A 26 -4.42 37.43 -2.06
N LEU A 27 -4.48 38.61 -1.44
CA LEU A 27 -5.09 39.79 -2.06
C LEU A 27 -4.39 40.02 -3.40
N HIS A 28 -3.11 40.38 -3.34
CA HIS A 28 -2.33 40.66 -4.54
C HIS A 28 -2.44 39.55 -5.58
N ALA A 29 -2.12 38.32 -5.19
CA ALA A 29 -2.18 37.17 -6.09
C ALA A 29 -3.56 37.08 -6.69
N ARG A 30 -4.55 37.57 -5.96
CA ARG A 30 -5.95 37.58 -6.36
C ARG A 30 -6.59 36.21 -6.64
N ASN A 31 -6.06 35.44 -7.58
CA ASN A 31 -6.61 34.11 -7.88
C ASN A 31 -5.95 33.03 -7.04
N ALA A 32 -5.93 33.26 -5.73
CA ALA A 32 -5.34 32.33 -4.76
C ALA A 32 -6.47 32.04 -3.79
N GLU A 33 -6.80 30.78 -3.60
CA GLU A 33 -7.88 30.47 -2.68
C GLU A 33 -7.36 30.64 -1.25
N TYR A 34 -7.91 31.65 -0.58
CA TYR A 34 -7.60 31.97 0.81
C TYR A 34 -9.00 32.04 1.37
N ASN A 35 -9.28 31.32 2.44
CA ASN A 35 -10.61 31.33 3.03
C ASN A 35 -10.63 31.17 4.56
N PRO A 36 -11.56 31.89 5.23
CA PRO A 36 -11.72 31.87 6.69
C PRO A 36 -12.22 30.53 7.21
N LYS A 37 -12.39 30.45 8.53
CA LYS A 37 -12.94 29.24 9.16
C LYS A 37 -12.27 27.90 8.82
N ARG A 38 -11.35 27.87 7.86
CA ARG A 38 -10.70 26.62 7.49
C ARG A 38 -9.31 26.88 6.92
N PHE A 39 -8.46 25.86 6.98
CA PHE A 39 -7.10 25.91 6.46
C PHE A 39 -6.51 27.31 6.37
N ALA A 40 -5.61 27.64 7.29
CA ALA A 40 -4.98 28.96 7.29
C ALA A 40 -3.69 28.94 6.50
N ALA A 41 -3.82 29.12 5.19
CA ALA A 41 -2.68 29.16 4.29
C ALA A 41 -3.21 29.52 2.91
N VAL A 42 -2.35 30.05 2.05
CA VAL A 42 -2.81 30.43 0.72
C VAL A 42 -2.42 29.38 -0.33
N ILE A 43 -3.42 28.95 -1.10
CA ILE A 43 -3.25 27.96 -2.16
C ILE A 43 -2.99 28.65 -3.52
N MET A 44 -1.71 28.71 -3.90
CA MET A 44 -1.30 29.33 -5.17
C MET A 44 -1.38 28.32 -6.33
N ARG A 45 -0.85 28.67 -7.51
CA ARG A 45 -0.94 27.75 -8.66
C ARG A 45 -0.19 28.34 -9.86
N ILE A 46 -0.02 27.55 -10.92
CA ILE A 46 0.62 28.01 -12.17
C ILE A 46 0.28 27.08 -13.34
N ARG A 47 0.09 27.67 -14.52
CA ARG A 47 -0.24 26.91 -15.75
C ARG A 47 0.82 25.86 -16.11
N GLU A 48 2.09 26.20 -15.92
CA GLU A 48 3.15 25.27 -16.21
C GLU A 48 4.41 25.87 -15.64
N PRO A 49 5.22 25.06 -14.92
CA PRO A 49 4.88 23.65 -14.66
C PRO A 49 3.63 23.51 -13.80
N LYS A 50 2.55 23.05 -14.42
CA LYS A 50 1.26 22.83 -13.76
C LYS A 50 1.38 22.19 -12.36
N THR A 51 1.55 23.04 -11.34
CA THR A 51 1.68 22.59 -9.97
C THR A 51 0.81 23.44 -9.06
N THR A 52 0.35 22.84 -7.95
CA THR A 52 -0.49 23.51 -6.95
C THR A 52 0.44 23.80 -5.79
N ALA A 53 0.24 24.89 -5.07
CA ALA A 53 1.12 25.20 -3.96
C ALA A 53 0.44 25.72 -2.70
N LEU A 54 0.63 25.01 -1.58
CA LEU A 54 0.07 25.41 -0.29
C LEU A 54 1.14 26.21 0.43
N ILE A 55 0.93 27.51 0.51
CA ILE A 55 1.88 28.42 1.18
C ILE A 55 1.36 28.57 2.61
N PHE A 56 2.27 28.48 3.59
CA PHE A 56 1.90 28.64 5.01
C PHE A 56 2.61 29.87 5.58
N ALA A 57 1.95 30.57 6.52
CA ALA A 57 2.56 31.74 7.14
C ALA A 57 3.83 31.39 7.88
N SER A 58 4.04 30.11 8.17
CA SER A 58 5.26 29.72 8.87
C SER A 58 6.45 29.73 7.91
N GLY A 59 6.36 30.58 6.89
CA GLY A 59 7.42 30.68 5.90
C GLY A 59 7.54 29.44 5.02
N LYS A 60 6.90 28.34 5.40
CA LYS A 60 7.00 27.10 4.64
C LYS A 60 5.90 26.90 3.59
N MET A 61 6.25 26.18 2.52
CA MET A 61 5.33 25.90 1.43
C MET A 61 5.47 24.45 0.94
N VAL A 62 4.35 23.86 0.51
CA VAL A 62 4.30 22.48 0.02
C VAL A 62 3.81 22.45 -1.45
N VAL A 63 4.73 22.36 -2.42
CA VAL A 63 4.31 22.34 -3.83
C VAL A 63 4.07 20.91 -4.33
N THR A 64 2.94 20.71 -4.99
CA THR A 64 2.49 19.40 -5.51
C THR A 64 2.23 19.41 -7.01
N GLY A 65 2.23 18.23 -7.63
CA GLY A 65 1.93 18.12 -9.04
C GLY A 65 3.06 17.85 -10.02
N ALA A 66 4.27 18.28 -9.69
CA ALA A 66 5.41 18.10 -10.59
C ALA A 66 5.71 16.64 -10.94
N LYS A 67 5.93 16.38 -12.22
CA LYS A 67 6.24 15.04 -12.68
C LYS A 67 7.75 14.80 -12.76
N SER A 68 8.55 15.59 -12.05
CA SER A 68 10.02 15.42 -12.09
C SER A 68 10.76 16.35 -11.12
N GLU A 69 11.76 15.80 -10.43
CA GLU A 69 12.55 16.54 -9.44
C GLU A 69 12.99 17.90 -9.92
N ASP A 70 13.28 18.02 -11.21
CA ASP A 70 13.69 19.31 -11.71
C ASP A 70 12.51 20.25 -11.87
N ASP A 71 11.39 19.76 -12.41
CA ASP A 71 10.24 20.63 -12.55
C ASP A 71 9.81 21.17 -11.19
N SER A 72 9.72 20.29 -10.19
CA SER A 72 9.35 20.70 -8.84
C SER A 72 10.25 21.88 -8.45
N LYS A 73 11.56 21.62 -8.40
CA LYS A 73 12.52 22.65 -8.05
C LYS A 73 12.22 23.91 -8.86
N LEU A 74 11.86 23.76 -10.12
CA LEU A 74 11.56 24.94 -10.91
C LEU A 74 10.30 25.62 -10.35
N ALA A 75 9.23 24.86 -10.14
CA ALA A 75 7.99 25.43 -9.61
C ALA A 75 8.22 25.97 -8.21
N SER A 76 9.26 25.47 -7.55
CA SER A 76 9.60 25.91 -6.21
C SER A 76 10.30 27.27 -6.28
N ARG A 77 10.86 27.59 -7.43
CA ARG A 77 11.51 28.88 -7.62
C ARG A 77 10.50 29.90 -8.11
N LYS A 78 9.57 29.48 -8.95
CA LYS A 78 8.55 30.40 -9.43
C LYS A 78 7.82 31.05 -8.22
N TYR A 79 7.37 30.23 -7.29
CA TYR A 79 6.62 30.70 -6.10
C TYR A 79 7.32 31.67 -5.16
N ALA A 80 8.65 31.61 -5.10
CA ALA A 80 9.42 32.52 -4.27
C ALA A 80 9.70 33.83 -5.05
N ARG A 81 8.84 34.13 -6.01
CA ARG A 81 8.96 35.34 -6.81
C ARG A 81 7.63 36.06 -6.57
N ILE A 82 6.53 35.35 -6.83
CA ILE A 82 5.20 35.91 -6.62
C ILE A 82 5.06 36.34 -5.15
N ILE A 83 5.94 35.84 -4.28
CA ILE A 83 5.89 36.22 -2.87
C ILE A 83 7.26 36.74 -2.43
N GLN A 84 7.89 37.49 -3.33
CA GLN A 84 9.18 38.11 -3.11
C GLN A 84 9.04 39.49 -3.72
N LYS A 85 8.63 39.54 -4.99
CA LYS A 85 8.43 40.82 -5.66
C LYS A 85 7.52 41.67 -4.74
N ILE A 86 6.65 41.00 -4.01
CA ILE A 86 5.78 41.66 -3.05
C ILE A 86 6.70 41.76 -1.85
N GLY A 87 7.63 42.72 -1.93
CA GLY A 87 8.61 42.96 -0.88
C GLY A 87 8.66 41.99 0.28
N PHE A 88 9.33 40.86 0.08
CA PHE A 88 9.42 39.88 1.14
C PHE A 88 10.73 39.11 1.14
N ALA A 89 11.14 38.64 2.31
CA ALA A 89 12.39 37.90 2.46
C ALA A 89 12.21 36.46 1.99
N ALA A 90 11.48 36.30 0.88
CA ALA A 90 11.21 34.98 0.30
C ALA A 90 12.50 34.28 -0.05
N LYS A 91 13.21 33.82 0.97
CA LYS A 91 14.45 33.14 0.75
C LYS A 91 14.20 31.65 0.48
N PHE A 92 14.33 31.25 -0.77
CA PHE A 92 14.17 29.84 -1.16
C PHE A 92 15.29 29.07 -0.42
N THR A 93 14.93 28.01 0.29
CA THR A 93 15.95 27.25 1.00
C THR A 93 15.43 25.89 1.47
N ASP A 94 16.31 25.07 2.01
CA ASP A 94 15.96 23.73 2.45
C ASP A 94 14.82 23.06 1.63
N PHE A 95 15.02 22.91 0.33
CA PHE A 95 14.02 22.25 -0.52
C PHE A 95 14.16 20.75 -0.20
N LYS A 96 13.03 20.09 0.09
CA LYS A 96 13.00 18.66 0.42
C LYS A 96 11.88 17.99 -0.35
N ILE A 97 12.04 16.70 -0.63
CA ILE A 97 11.03 15.90 -1.33
C ILE A 97 10.36 15.06 -0.26
N GLN A 98 9.04 15.16 -0.20
CA GLN A 98 8.24 14.46 0.80
C GLN A 98 7.76 13.08 0.34
N ASN A 99 7.56 12.90 -0.96
CA ASN A 99 7.10 11.63 -1.52
C ASN A 99 7.08 11.64 -3.04
N ILE A 100 7.35 10.50 -3.64
CA ILE A 100 7.35 10.34 -5.08
C ILE A 100 6.51 9.12 -5.44
N VAL A 101 5.55 9.28 -6.33
CA VAL A 101 4.72 8.16 -6.74
C VAL A 101 4.95 7.90 -8.23
N GLY A 102 5.03 6.63 -8.62
CA GLY A 102 5.26 6.31 -10.00
C GLY A 102 4.17 5.39 -10.50
N SER A 103 4.34 4.86 -11.71
CA SER A 103 3.37 3.93 -12.26
C SER A 103 4.09 3.24 -13.38
N CYS A 104 3.65 2.04 -13.72
CA CYS A 104 4.30 1.27 -14.75
C CYS A 104 3.31 0.26 -15.32
N ASP A 105 3.57 -0.24 -16.51
CA ASP A 105 2.67 -1.20 -17.14
C ASP A 105 3.55 -2.24 -17.81
N VAL A 106 3.47 -3.47 -17.31
CA VAL A 106 4.26 -4.57 -17.84
C VAL A 106 3.61 -5.25 -19.05
N LYS A 107 2.33 -4.93 -19.28
CA LYS A 107 1.57 -5.44 -20.40
C LYS A 107 1.35 -6.94 -20.53
N PHE A 108 1.00 -7.56 -19.42
CA PHE A 108 0.67 -8.98 -19.38
C PHE A 108 -0.08 -9.14 -18.07
N PRO A 109 -1.25 -9.82 -18.10
CA PRO A 109 -1.96 -9.98 -16.84
C PRO A 109 -1.10 -10.73 -15.85
N ILE A 110 -1.37 -10.57 -14.57
CA ILE A 110 -0.57 -11.24 -13.57
C ILE A 110 -1.40 -12.19 -12.74
N ARG A 111 -0.78 -13.26 -12.26
CA ARG A 111 -1.43 -14.26 -11.45
C ARG A 111 -1.17 -13.85 -10.02
N LEU A 112 -1.88 -12.82 -9.58
CA LEU A 112 -1.75 -12.27 -8.26
C LEU A 112 -1.93 -13.30 -7.16
N GLU A 113 -2.91 -14.18 -7.33
CA GLU A 113 -3.19 -15.22 -6.34
C GLU A 113 -1.97 -16.08 -6.03
N GLY A 114 -1.18 -16.35 -7.06
CA GLY A 114 0.01 -17.14 -6.87
C GLY A 114 1.09 -16.28 -6.23
N LEU A 115 1.17 -15.00 -6.61
CA LEU A 115 2.18 -14.12 -6.03
C LEU A 115 1.95 -13.99 -4.54
N ALA A 116 0.73 -13.59 -4.19
CA ALA A 116 0.32 -13.37 -2.81
C ALA A 116 0.53 -14.53 -1.87
N PHE A 117 0.04 -15.71 -2.25
CA PHE A 117 0.18 -16.89 -1.41
C PHE A 117 1.55 -17.57 -1.38
N SER A 118 2.51 -17.03 -2.11
CA SER A 118 3.86 -17.55 -2.07
C SER A 118 4.79 -16.43 -1.60
N HIS A 119 4.22 -15.22 -1.48
CA HIS A 119 4.91 -14.04 -1.01
C HIS A 119 4.08 -13.33 0.06
N GLY A 120 3.30 -14.09 0.81
CA GLY A 120 2.47 -13.53 1.87
C GLY A 120 3.21 -12.72 2.89
N THR A 121 4.53 -12.83 2.88
CA THR A 121 5.38 -12.09 3.81
C THR A 121 5.26 -10.59 3.55
N PHE A 122 5.04 -10.25 2.28
CA PHE A 122 4.94 -8.88 1.83
C PHE A 122 3.62 -8.51 1.20
N SER A 123 3.01 -9.48 0.53
CA SER A 123 1.76 -9.29 -0.20
C SER A 123 0.47 -9.40 0.63
N SER A 124 -0.48 -8.51 0.36
CA SER A 124 -1.78 -8.52 1.01
C SER A 124 -2.78 -8.60 -0.14
N TYR A 125 -3.64 -9.60 -0.14
CA TYR A 125 -4.57 -9.80 -1.25
C TYR A 125 -5.97 -10.29 -0.89
N GLU A 126 -6.98 -9.47 -1.09
CA GLU A 126 -8.37 -9.86 -0.81
C GLU A 126 -9.25 -9.27 -1.88
N PRO A 127 -9.55 -10.04 -2.95
CA PRO A 127 -10.38 -9.64 -4.09
C PRO A 127 -11.76 -9.12 -3.75
N GLU A 128 -12.34 -9.63 -2.67
CA GLU A 128 -13.64 -9.18 -2.21
C GLU A 128 -13.60 -7.88 -1.42
N LEU A 129 -12.41 -7.48 -0.97
CA LEU A 129 -12.24 -6.27 -0.19
C LEU A 129 -11.74 -5.06 -0.96
N PHE A 130 -10.63 -5.20 -1.67
CA PHE A 130 -10.05 -4.09 -2.42
C PHE A 130 -9.49 -4.64 -3.71
N PRO A 131 -9.35 -3.79 -4.73
CA PRO A 131 -8.82 -4.24 -6.02
C PRO A 131 -7.28 -4.24 -6.05
N GLY A 132 -6.71 -5.36 -6.44
CA GLY A 132 -5.27 -5.42 -6.52
C GLY A 132 -4.61 -6.12 -5.36
N LEU A 133 -3.29 -6.10 -5.38
CA LEU A 133 -2.48 -6.74 -4.36
C LEU A 133 -1.54 -5.69 -3.81
N ILE A 134 -1.38 -5.66 -2.50
CA ILE A 134 -0.46 -4.72 -1.88
C ILE A 134 0.81 -5.48 -1.55
N TYR A 135 1.95 -4.94 -1.97
CA TYR A 135 3.25 -5.55 -1.73
C TYR A 135 4.08 -4.48 -1.02
N ARG A 136 4.66 -4.83 0.12
CA ARG A 136 5.43 -3.89 0.91
C ARG A 136 6.92 -4.25 0.92
N MET A 137 7.74 -3.48 0.22
CA MET A 137 9.17 -3.74 0.19
C MET A 137 9.83 -3.18 1.42
N VAL A 138 10.80 -3.92 1.96
CA VAL A 138 11.54 -3.48 3.15
C VAL A 138 12.75 -2.62 2.75
N LYS A 139 13.30 -2.92 1.58
CA LYS A 139 14.47 -2.23 1.09
C LYS A 139 14.39 -2.16 -0.44
N PRO A 140 14.08 -0.98 -0.99
CA PRO A 140 13.80 0.26 -0.27
C PRO A 140 12.36 0.33 0.21
N LYS A 141 12.10 1.17 1.21
CA LYS A 141 10.77 1.35 1.77
C LYS A 141 9.80 1.87 0.72
N ILE A 142 9.14 0.95 0.01
CA ILE A 142 8.20 1.30 -1.04
C ILE A 142 6.98 0.37 -0.98
N VAL A 143 5.81 0.93 -1.23
CA VAL A 143 4.55 0.16 -1.25
C VAL A 143 4.07 0.13 -2.71
N LEU A 144 4.04 -1.07 -3.30
CA LEU A 144 3.61 -1.25 -4.70
C LEU A 144 2.25 -1.90 -4.78
N LEU A 145 1.36 -1.30 -5.56
CA LEU A 145 0.01 -1.81 -5.80
C LEU A 145 0.13 -2.49 -7.15
N ILE A 146 -0.20 -3.76 -7.20
CA ILE A 146 -0.12 -4.52 -8.44
C ILE A 146 -1.53 -4.96 -8.83
N PHE A 147 -1.93 -4.69 -10.06
CA PHE A 147 -3.26 -5.07 -10.53
C PHE A 147 -3.14 -6.20 -11.56
N VAL A 148 -4.23 -6.92 -11.80
CA VAL A 148 -4.21 -8.02 -12.78
C VAL A 148 -3.81 -7.59 -14.17
N SER A 149 -4.29 -6.44 -14.63
CA SER A 149 -3.97 -5.97 -15.97
C SER A 149 -2.47 -5.79 -16.17
N GLY A 150 -1.73 -5.74 -15.07
CA GLY A 150 -0.29 -5.59 -15.15
C GLY A 150 0.20 -4.21 -14.83
N LYS A 151 -0.72 -3.32 -14.48
CA LYS A 151 -0.38 -1.94 -14.14
C LYS A 151 -0.02 -1.87 -12.67
N ILE A 152 1.15 -1.32 -12.35
CA ILE A 152 1.54 -1.22 -10.97
C ILE A 152 1.76 0.22 -10.55
N VAL A 153 1.55 0.49 -9.26
CA VAL A 153 1.73 1.82 -8.68
C VAL A 153 2.82 1.74 -7.59
N LEU A 154 3.86 2.55 -7.73
CA LEU A 154 4.94 2.54 -6.76
C LEU A 154 4.81 3.80 -5.92
N THR A 155 4.71 3.65 -4.60
CA THR A 155 4.55 4.81 -3.73
C THR A 155 5.56 4.88 -2.58
N GLY A 156 5.62 6.04 -1.95
CA GLY A 156 6.49 6.23 -0.80
C GLY A 156 7.98 6.46 -0.98
N ALA A 157 8.45 6.56 -2.21
CA ALA A 157 9.88 6.78 -2.42
C ALA A 157 10.15 8.22 -2.07
N LYS A 158 11.26 8.48 -1.40
CA LYS A 158 11.59 9.87 -1.08
C LYS A 158 12.54 10.39 -2.14
N GLN A 159 13.08 9.47 -2.94
CA GLN A 159 14.05 9.79 -3.99
C GLN A 159 13.76 9.01 -5.27
N ARG A 160 13.97 9.66 -6.40
CA ARG A 160 13.72 9.04 -7.70
C ARG A 160 14.26 7.62 -7.92
N GLU A 161 15.56 7.45 -7.73
CA GLU A 161 16.24 6.18 -7.93
C GLU A 161 15.65 4.96 -7.25
N GLU A 162 14.80 5.18 -6.25
CA GLU A 162 14.19 4.07 -5.50
C GLU A 162 12.99 3.48 -6.22
N ILE A 163 12.42 4.24 -7.15
CA ILE A 163 11.28 3.78 -7.95
C ILE A 163 11.82 2.75 -8.94
N TYR A 164 12.92 3.11 -9.61
CA TYR A 164 13.55 2.22 -10.59
C TYR A 164 14.08 1.01 -9.85
N GLN A 165 14.68 1.25 -8.69
CA GLN A 165 15.23 0.20 -7.84
C GLN A 165 14.14 -0.78 -7.44
N ALA A 166 13.00 -0.26 -6.99
CA ALA A 166 11.88 -1.10 -6.57
C ALA A 166 11.34 -1.91 -7.74
N PHE A 167 11.13 -1.26 -8.89
CA PHE A 167 10.62 -1.99 -10.05
C PHE A 167 11.62 -2.97 -10.65
N GLU A 168 12.91 -2.64 -10.60
CA GLU A 168 13.97 -3.50 -11.12
C GLU A 168 14.05 -4.79 -10.33
N ALA A 169 13.57 -4.77 -9.09
CA ALA A 169 13.61 -5.93 -8.23
C ALA A 169 12.33 -6.75 -8.19
N ILE A 170 11.20 -6.14 -8.55
CA ILE A 170 9.92 -6.87 -8.53
C ILE A 170 9.52 -7.40 -9.90
N TYR A 171 10.14 -6.86 -10.95
CA TYR A 171 9.83 -7.28 -12.32
C TYR A 171 10.04 -8.79 -12.56
N PRO A 172 11.17 -9.36 -12.11
CA PRO A 172 11.37 -10.79 -12.35
C PRO A 172 10.30 -11.61 -11.63
N VAL A 173 9.80 -11.09 -10.51
CA VAL A 173 8.78 -11.78 -9.74
C VAL A 173 7.49 -11.77 -10.53
N LEU A 174 7.14 -10.63 -11.10
CA LEU A 174 5.92 -10.53 -11.89
C LEU A 174 6.01 -11.38 -13.15
N SER A 175 7.20 -11.60 -13.68
CA SER A 175 7.31 -12.39 -14.90
C SER A 175 7.07 -13.85 -14.60
N GLU A 176 7.34 -14.23 -13.36
CA GLU A 176 7.17 -15.59 -12.92
C GLU A 176 5.69 -15.95 -12.81
N PHE A 177 4.88 -14.98 -12.44
CA PHE A 177 3.44 -15.19 -12.30
C PHE A 177 2.65 -14.55 -13.44
N ARG A 178 3.25 -14.49 -14.62
CA ARG A 178 2.57 -13.92 -15.77
C ARG A 178 1.53 -14.92 -16.21
N LYS A 179 0.27 -14.50 -16.25
CA LYS A 179 -0.78 -15.40 -16.71
C LYS A 179 -0.71 -15.34 -18.21
N MET A 180 -0.73 -16.51 -18.84
CA MET A 180 -0.62 -16.61 -20.29
C MET A 180 -1.96 -16.87 -20.95
N MET B 1 -19.47 -4.65 7.40
CA MET B 1 -18.51 -3.64 7.90
C MET B 1 -19.24 -2.92 9.00
N GLY B 2 -18.61 -2.82 10.16
CA GLY B 2 -19.19 -2.13 11.30
C GLY B 2 -18.04 -1.29 11.80
N ILE B 3 -18.21 -0.61 12.93
CA ILE B 3 -17.14 0.22 13.48
C ILE B 3 -15.99 -0.63 14.02
N VAL B 4 -16.31 -1.73 14.70
CA VAL B 4 -15.28 -2.62 15.25
C VAL B 4 -14.66 -3.45 14.14
N PRO B 5 -13.31 -3.41 13.98
CA PRO B 5 -12.61 -4.17 12.94
C PRO B 5 -12.88 -5.66 13.03
N THR B 6 -13.11 -6.28 11.89
CA THR B 6 -13.32 -7.71 11.88
C THR B 6 -12.33 -8.25 10.86
N LEU B 7 -11.63 -9.31 11.25
CA LEU B 7 -10.64 -9.92 10.38
C LEU B 7 -11.30 -10.61 9.20
N GLN B 8 -10.72 -10.41 8.02
CA GLN B 8 -11.23 -10.98 6.78
C GLN B 8 -10.51 -12.22 6.29
N ASN B 9 -9.21 -12.28 6.48
CA ASN B 9 -8.44 -13.41 5.99
C ASN B 9 -7.17 -13.55 6.79
N ILE B 10 -6.73 -14.79 6.96
CA ILE B 10 -5.50 -15.08 7.71
C ILE B 10 -4.63 -16.00 6.87
N VAL B 11 -3.34 -15.71 6.83
CA VAL B 11 -2.39 -16.52 6.08
C VAL B 11 -1.38 -17.04 7.09
N ALA B 12 -1.13 -18.35 7.08
CA ALA B 12 -0.21 -18.96 8.01
C ALA B 12 0.64 -19.97 7.27
N THR B 13 1.85 -20.20 7.74
CA THR B 13 2.70 -21.18 7.08
C THR B 13 2.99 -22.27 8.09
N VAL B 14 2.95 -23.52 7.64
CA VAL B 14 3.26 -24.63 8.53
C VAL B 14 4.44 -25.35 7.89
N THR B 15 5.41 -25.77 8.71
CA THR B 15 6.54 -26.52 8.20
C THR B 15 6.21 -27.98 8.49
N LEU B 16 6.08 -28.78 7.44
CA LEU B 16 5.74 -30.18 7.60
C LEU B 16 6.84 -31.09 8.10
N GLY B 17 8.09 -30.66 7.96
CA GLY B 17 9.20 -31.47 8.42
C GLY B 17 9.93 -32.22 7.32
N CYS B 18 9.19 -32.64 6.30
CA CYS B 18 9.78 -33.38 5.19
C CYS B 18 9.49 -32.78 3.82
N ARG B 19 10.29 -33.15 2.82
CA ARG B 19 10.07 -32.69 1.47
C ARG B 19 9.07 -33.67 0.88
N LEU B 20 8.10 -33.17 0.14
CA LEU B 20 7.10 -34.05 -0.45
C LEU B 20 7.37 -34.21 -1.93
N ASP B 21 6.76 -35.23 -2.51
CA ASP B 21 6.82 -35.46 -3.95
C ASP B 21 5.40 -35.05 -4.25
N LEU B 22 5.23 -33.92 -4.91
CA LEU B 22 3.92 -33.38 -5.23
C LEU B 22 3.00 -34.26 -6.06
N LYS B 23 3.58 -35.00 -7.00
CA LYS B 23 2.82 -35.89 -7.87
C LYS B 23 2.11 -36.99 -7.06
N THR B 24 2.80 -37.63 -6.12
CA THR B 24 2.15 -38.68 -5.36
C THR B 24 1.05 -38.13 -4.45
N VAL B 25 1.26 -36.95 -3.87
CA VAL B 25 0.23 -36.39 -3.01
C VAL B 25 -0.99 -36.01 -3.85
N ALA B 26 -0.78 -35.45 -5.04
CA ALA B 26 -1.91 -35.10 -5.90
C ALA B 26 -2.59 -36.38 -6.36
N LEU B 27 -1.86 -37.49 -6.25
CA LEU B 27 -2.31 -38.81 -6.66
C LEU B 27 -2.68 -39.70 -5.47
N HIS B 28 -3.10 -39.13 -4.36
CA HIS B 28 -3.46 -39.94 -3.19
C HIS B 28 -4.38 -39.18 -2.27
N ALA B 29 -4.09 -37.90 -2.06
CA ALA B 29 -4.93 -37.04 -1.25
C ALA B 29 -6.11 -36.94 -2.17
N ARG B 30 -7.27 -37.39 -1.72
CA ARG B 30 -8.45 -37.35 -2.56
C ARG B 30 -8.80 -35.91 -3.02
N ASN B 31 -8.54 -34.94 -2.16
CA ASN B 31 -8.85 -33.56 -2.52
C ASN B 31 -7.58 -32.74 -2.67
N ALA B 32 -7.09 -32.68 -3.90
CA ALA B 32 -5.86 -31.96 -4.22
C ALA B 32 -5.88 -31.47 -5.66
N GLU B 33 -4.84 -30.74 -6.05
CA GLU B 33 -4.74 -30.14 -7.39
C GLU B 33 -3.27 -29.83 -7.66
N TYR B 34 -2.76 -30.20 -8.83
CA TYR B 34 -1.37 -29.95 -9.13
C TYR B 34 -1.18 -29.49 -10.57
N ASN B 35 -0.24 -28.57 -10.75
CA ASN B 35 0.05 -27.98 -12.05
C ASN B 35 1.52 -27.55 -12.01
N PRO B 36 2.45 -28.51 -12.15
CA PRO B 36 3.89 -28.21 -12.12
C PRO B 36 4.37 -27.19 -13.16
N LYS B 37 3.78 -27.21 -14.34
CA LYS B 37 4.15 -26.26 -15.37
C LYS B 37 3.71 -24.83 -15.01
N ARG B 38 2.51 -24.71 -14.46
CA ARG B 38 1.94 -23.41 -14.09
C ARG B 38 2.25 -22.91 -12.67
N PHE B 39 2.58 -23.83 -11.76
CA PHE B 39 2.88 -23.47 -10.38
C PHE B 39 3.28 -24.74 -9.63
N ALA B 40 4.46 -24.72 -9.01
CA ALA B 40 4.96 -25.86 -8.27
C ALA B 40 4.40 -25.94 -6.84
N ALA B 41 3.15 -26.41 -6.71
CA ALA B 41 2.49 -26.51 -5.40
C ALA B 41 1.19 -27.25 -5.55
N VAL B 42 0.90 -28.18 -4.62
CA VAL B 42 -0.35 -28.90 -4.69
C VAL B 42 -1.38 -28.10 -3.95
N ILE B 43 -2.41 -27.68 -4.67
CA ILE B 43 -3.49 -26.91 -4.10
C ILE B 43 -4.57 -27.84 -3.58
N MET B 44 -4.60 -28.00 -2.27
CA MET B 44 -5.58 -28.85 -1.62
C MET B 44 -6.70 -27.96 -1.11
N ARG B 45 -7.72 -28.57 -0.53
CA ARG B 45 -8.87 -27.80 -0.08
C ARG B 45 -9.66 -28.59 0.94
N ILE B 46 -10.33 -27.88 1.84
CA ILE B 46 -11.13 -28.52 2.86
C ILE B 46 -12.38 -27.68 3.13
N ARG B 47 -13.34 -28.27 3.84
CA ARG B 47 -14.60 -27.60 4.14
C ARG B 47 -14.71 -27.12 5.59
N GLU B 48 -14.21 -27.93 6.52
CA GLU B 48 -14.28 -27.60 7.94
C GLU B 48 -12.92 -27.28 8.58
N PRO B 49 -12.47 -26.01 8.51
CA PRO B 49 -13.04 -24.80 7.92
C PRO B 49 -12.65 -24.63 6.45
N LYS B 50 -13.37 -23.76 5.73
CA LYS B 50 -13.08 -23.53 4.32
C LYS B 50 -11.76 -22.77 4.13
N THR B 51 -10.66 -23.51 4.07
CA THR B 51 -9.34 -22.95 3.88
C THR B 51 -8.72 -23.66 2.70
N THR B 52 -7.82 -22.99 2.00
CA THR B 52 -7.15 -23.59 0.85
C THR B 52 -5.72 -23.70 1.32
N ALA B 53 -5.05 -24.76 0.92
CA ALA B 53 -3.68 -24.96 1.32
C ALA B 53 -2.81 -25.19 0.13
N LEU B 54 -1.63 -24.60 0.18
CA LEU B 54 -0.66 -24.74 -0.88
C LEU B 54 0.49 -25.55 -0.30
N ILE B 55 0.62 -26.79 -0.73
CA ILE B 55 1.67 -27.67 -0.23
C ILE B 55 2.81 -27.66 -1.22
N PHE B 56 3.97 -27.17 -0.80
CA PHE B 56 5.15 -27.11 -1.66
C PHE B 56 6.07 -28.28 -1.40
N ALA B 57 6.82 -28.67 -2.42
CA ALA B 57 7.73 -29.79 -2.33
C ALA B 57 8.75 -29.75 -1.20
N SER B 58 8.82 -28.64 -0.48
CA SER B 58 9.79 -28.51 0.60
C SER B 58 9.19 -28.72 1.99
N GLY B 59 7.92 -29.11 2.04
CA GLY B 59 7.24 -29.31 3.31
C GLY B 59 6.56 -28.04 3.75
N LYS B 60 7.03 -26.92 3.22
CA LYS B 60 6.44 -25.64 3.54
C LYS B 60 5.01 -25.66 3.05
N MET B 61 4.09 -25.25 3.92
CA MET B 61 2.68 -25.21 3.57
C MET B 61 2.17 -23.82 3.91
N VAL B 62 1.30 -23.29 3.06
CA VAL B 62 0.70 -21.97 3.28
C VAL B 62 -0.82 -22.19 3.23
N VAL B 63 -1.49 -21.93 4.35
CA VAL B 63 -2.93 -22.12 4.48
C VAL B 63 -3.64 -20.75 4.55
N THR B 64 -4.54 -20.48 3.61
CA THR B 64 -5.25 -19.21 3.61
C THR B 64 -6.74 -19.42 3.80
N GLY B 65 -7.46 -18.33 4.08
CA GLY B 65 -8.89 -18.42 4.20
C GLY B 65 -9.54 -18.37 5.56
N ALA B 66 -8.81 -18.67 6.63
CA ALA B 66 -9.42 -18.68 7.95
C ALA B 66 -9.70 -17.28 8.45
N LYS B 67 -10.78 -17.15 9.22
CA LYS B 67 -11.19 -15.88 9.82
C LYS B 67 -10.74 -15.77 11.27
N SER B 68 -10.02 -16.77 11.77
CA SER B 68 -9.51 -16.76 13.14
C SER B 68 -8.30 -17.67 13.32
N GLU B 69 -7.48 -17.31 14.30
CA GLU B 69 -6.27 -18.06 14.61
C GLU B 69 -6.56 -19.49 15.08
N ASP B 70 -7.79 -19.72 15.54
CA ASP B 70 -8.20 -21.06 15.98
C ASP B 70 -8.41 -21.85 14.73
N ASP B 71 -9.17 -21.28 13.80
CA ASP B 71 -9.46 -21.94 12.54
C ASP B 71 -8.22 -22.22 11.67
N SER B 72 -7.25 -21.30 11.65
CA SER B 72 -6.03 -21.53 10.88
C SER B 72 -5.08 -22.48 11.59
N LYS B 73 -5.25 -22.62 12.90
CA LYS B 73 -4.43 -23.52 13.70
C LYS B 73 -5.03 -24.91 13.50
N LEU B 74 -6.35 -24.96 13.48
CA LEU B 74 -7.10 -26.19 13.32
C LEU B 74 -6.89 -26.70 11.91
N ALA B 75 -7.32 -25.92 10.93
CA ALA B 75 -7.18 -26.27 9.53
C ALA B 75 -5.77 -26.80 9.19
N SER B 76 -4.75 -26.08 9.62
CA SER B 76 -3.38 -26.49 9.36
C SER B 76 -3.14 -27.91 9.83
N ARG B 77 -3.55 -28.22 11.05
CA ARG B 77 -3.36 -29.56 11.58
C ARG B 77 -3.95 -30.59 10.63
N LYS B 78 -5.23 -30.42 10.31
CA LYS B 78 -5.95 -31.34 9.43
C LYS B 78 -5.30 -31.54 8.05
N TYR B 79 -4.66 -30.51 7.51
CA TYR B 79 -3.98 -30.65 6.22
C TYR B 79 -2.78 -31.56 6.43
N ALA B 80 -2.11 -31.42 7.57
CA ALA B 80 -0.95 -32.25 7.88
C ALA B 80 -1.43 -33.68 8.08
N ARG B 81 -2.68 -33.82 8.50
CA ARG B 81 -3.30 -35.12 8.74
C ARG B 81 -3.45 -35.79 7.38
N ILE B 82 -4.02 -35.05 6.43
CA ILE B 82 -4.27 -35.54 5.09
C ILE B 82 -3.03 -36.06 4.38
N ILE B 83 -1.88 -35.42 4.59
CA ILE B 83 -0.68 -35.91 3.93
C ILE B 83 -0.06 -37.07 4.70
N GLN B 84 -0.13 -37.02 6.03
CA GLN B 84 0.43 -38.07 6.89
C GLN B 84 -0.16 -39.43 6.55
N LYS B 85 -1.48 -39.48 6.43
CA LYS B 85 -2.19 -40.70 6.08
C LYS B 85 -1.71 -41.28 4.74
N ILE B 86 -1.48 -40.41 3.76
CA ILE B 86 -1.01 -40.82 2.44
C ILE B 86 0.27 -41.62 2.61
N GLY B 87 1.10 -41.24 3.58
CA GLY B 87 2.33 -41.97 3.80
C GLY B 87 3.50 -41.18 4.35
N PHE B 88 3.74 -39.97 3.85
CA PHE B 88 4.87 -39.17 4.29
C PHE B 88 4.84 -38.94 5.79
N ALA B 89 6.01 -38.74 6.40
CA ALA B 89 6.14 -38.51 7.85
C ALA B 89 6.11 -37.04 8.22
N ALA B 90 5.04 -36.35 7.83
CA ALA B 90 4.87 -34.94 8.12
C ALA B 90 4.38 -34.78 9.54
N LYS B 91 4.67 -33.62 10.14
CA LYS B 91 4.26 -33.33 11.52
C LYS B 91 4.06 -31.82 11.68
N PHE B 92 2.89 -31.42 12.15
CA PHE B 92 2.54 -30.00 12.36
C PHE B 92 3.70 -29.35 13.08
N THR B 93 4.41 -28.45 12.41
CA THR B 93 5.54 -27.81 13.04
C THR B 93 5.69 -26.34 12.64
N ASP B 94 6.09 -25.52 13.60
CA ASP B 94 6.29 -24.08 13.42
C ASP B 94 5.21 -23.32 12.66
N PHE B 95 4.00 -23.33 13.21
CA PHE B 95 2.90 -22.59 12.62
C PHE B 95 3.22 -21.12 12.93
N LYS B 96 3.34 -20.31 11.88
CA LYS B 96 3.65 -18.89 12.03
C LYS B 96 2.62 -18.12 11.19
N ILE B 97 1.96 -17.11 11.76
CA ILE B 97 1.00 -16.32 11.00
C ILE B 97 1.79 -15.34 10.15
N GLN B 98 1.51 -15.33 8.86
CA GLN B 98 2.23 -14.47 7.92
C GLN B 98 1.61 -13.11 7.67
N ASN B 99 0.29 -13.03 7.68
CA ASN B 99 -0.40 -11.79 7.41
C ASN B 99 -1.87 -11.91 7.76
N ILE B 100 -2.48 -10.79 8.14
CA ILE B 100 -3.89 -10.73 8.50
C ILE B 100 -4.46 -9.47 7.83
N VAL B 101 -5.68 -9.58 7.30
CA VAL B 101 -6.35 -8.48 6.63
C VAL B 101 -7.69 -8.26 7.33
N GLY B 102 -8.00 -7.03 7.72
CA GLY B 102 -9.27 -6.77 8.39
C GLY B 102 -9.93 -5.55 7.81
N SER B 103 -11.10 -5.20 8.30
CA SER B 103 -11.77 -4.01 7.81
C SER B 103 -12.82 -3.53 8.80
N CYS B 104 -13.39 -2.37 8.51
CA CYS B 104 -14.43 -1.75 9.31
C CYS B 104 -14.95 -0.56 8.56
N ASP B 105 -15.85 0.19 9.18
CA ASP B 105 -16.44 1.32 8.51
C ASP B 105 -16.77 2.39 9.56
N VAL B 106 -15.95 3.42 9.65
CA VAL B 106 -16.20 4.49 10.62
C VAL B 106 -17.58 5.14 10.38
N LYS B 107 -18.20 4.82 9.24
CA LYS B 107 -19.53 5.31 8.93
C LYS B 107 -19.69 6.80 8.58
N PHE B 108 -18.62 7.48 8.18
CA PHE B 108 -18.71 8.89 7.82
C PHE B 108 -17.70 9.24 6.74
N PRO B 109 -18.07 10.11 5.80
CA PRO B 109 -17.20 10.53 4.69
C PRO B 109 -15.95 11.24 5.14
N ILE B 110 -14.81 10.86 4.57
CA ILE B 110 -13.51 11.42 4.93
C ILE B 110 -12.82 12.24 3.83
N ARG B 111 -12.11 13.30 4.22
CA ARG B 111 -11.38 14.18 3.28
C ARG B 111 -9.98 13.64 3.00
N LEU B 112 -9.89 12.66 2.13
CA LEU B 112 -8.63 12.05 1.74
C LEU B 112 -7.56 13.07 1.32
N GLU B 113 -7.98 14.18 0.72
CA GLU B 113 -7.04 15.23 0.28
C GLU B 113 -6.42 15.93 1.46
N GLY B 114 -7.21 16.14 2.51
CA GLY B 114 -6.74 16.82 3.70
C GLY B 114 -5.83 15.95 4.53
N LEU B 115 -6.20 14.68 4.69
CA LEU B 115 -5.40 13.71 5.44
C LEU B 115 -4.05 13.47 4.76
N ALA B 116 -4.07 13.46 3.43
CA ALA B 116 -2.88 13.26 2.61
C ALA B 116 -1.90 14.39 2.80
N PHE B 117 -2.40 15.64 2.83
CA PHE B 117 -1.52 16.79 3.03
C PHE B 117 -1.05 16.82 4.48
N SER B 118 -1.97 16.65 5.42
CA SER B 118 -1.64 16.67 6.84
C SER B 118 -0.67 15.56 7.26
N HIS B 119 -0.99 14.31 6.94
CA HIS B 119 -0.12 13.20 7.29
C HIS B 119 0.71 12.83 6.07
N GLY B 120 1.28 13.86 5.45
CA GLY B 120 2.09 13.72 4.24
C GLY B 120 3.24 12.74 4.13
N THR B 121 3.94 12.47 5.23
CA THR B 121 5.05 11.54 5.17
C THR B 121 4.58 10.09 5.37
N PHE B 122 3.26 9.94 5.51
CA PHE B 122 2.64 8.65 5.73
C PHE B 122 1.65 8.30 4.63
N SER B 123 0.96 9.31 4.12
CA SER B 123 -0.07 9.11 3.11
C SER B 123 0.35 9.34 1.66
N SER B 124 -0.50 8.85 0.76
CA SER B 124 -0.34 9.00 -0.67
C SER B 124 -1.76 9.03 -1.17
N TYR B 125 -2.10 9.98 -2.03
CA TYR B 125 -3.44 10.04 -2.59
C TYR B 125 -3.39 10.49 -4.04
N GLU B 126 -3.60 9.55 -4.96
CA GLU B 126 -3.61 9.85 -6.37
C GLU B 126 -4.89 9.22 -6.91
N PRO B 127 -6.03 9.91 -6.77
CA PRO B 127 -7.32 9.38 -7.24
C PRO B 127 -7.32 8.77 -8.65
N GLU B 128 -6.57 9.38 -9.56
CA GLU B 128 -6.52 8.89 -10.93
C GLU B 128 -5.80 7.55 -11.05
N LEU B 129 -5.06 7.17 -10.02
CA LEU B 129 -4.32 5.92 -10.02
C LEU B 129 -4.93 4.86 -9.11
N PHE B 130 -5.43 5.29 -7.96
CA PHE B 130 -6.08 4.40 -7.01
C PHE B 130 -7.05 5.27 -6.26
N PRO B 131 -8.29 4.79 -6.06
CA PRO B 131 -9.36 5.51 -5.37
C PRO B 131 -9.02 5.83 -3.91
N GLY B 132 -8.39 4.86 -3.26
CA GLY B 132 -8.05 5.04 -1.86
C GLY B 132 -6.74 5.71 -1.55
N LEU B 133 -6.59 6.09 -0.29
CA LEU B 133 -5.39 6.72 0.21
C LEU B 133 -4.62 5.58 0.86
N ILE B 134 -3.33 5.47 0.56
CA ILE B 134 -2.50 4.43 1.15
C ILE B 134 -1.73 5.11 2.26
N TYR B 135 -1.88 4.58 3.48
CA TYR B 135 -1.27 5.12 4.68
C TYR B 135 -0.30 4.05 5.22
N ARG B 136 0.98 4.37 5.28
CA ARG B 136 1.96 3.41 5.77
C ARG B 136 2.38 3.67 7.21
N MET B 137 1.82 2.90 8.14
CA MET B 137 2.16 3.03 9.57
C MET B 137 3.49 2.34 9.84
N VAL B 138 4.37 3.00 10.57
CA VAL B 138 5.67 2.46 10.88
C VAL B 138 5.63 1.63 12.16
N LYS B 139 4.58 1.80 12.96
CA LYS B 139 4.41 1.06 14.22
C LYS B 139 2.96 1.06 14.71
N PRO B 140 2.23 -0.06 14.53
CA PRO B 140 2.65 -1.31 13.90
C PRO B 140 2.79 -1.18 12.39
N LYS B 141 3.67 -1.98 11.80
CA LYS B 141 3.90 -1.96 10.35
C LYS B 141 2.64 -2.46 9.68
N ILE B 142 1.68 -1.56 9.51
CA ILE B 142 0.42 -1.88 8.87
C ILE B 142 0.27 -0.92 7.72
N VAL B 143 -0.43 -1.34 6.67
CA VAL B 143 -0.69 -0.48 5.52
C VAL B 143 -2.20 -0.37 5.46
N LEU B 144 -2.70 0.85 5.64
CA LEU B 144 -4.13 1.09 5.63
C LEU B 144 -4.61 1.64 4.30
N LEU B 145 -5.79 1.21 3.88
CA LEU B 145 -6.38 1.70 2.65
C LEU B 145 -7.60 2.43 3.16
N ILE B 146 -7.66 3.74 2.93
CA ILE B 146 -8.79 4.53 3.40
C ILE B 146 -9.58 5.12 2.23
N PHE B 147 -10.87 4.76 2.17
CA PHE B 147 -11.76 5.19 1.11
C PHE B 147 -12.67 6.38 1.50
N VAL B 148 -12.97 7.22 0.53
CA VAL B 148 -13.81 8.40 0.75
C VAL B 148 -15.13 8.10 1.44
N SER B 149 -15.56 6.84 1.44
CA SER B 149 -16.84 6.45 2.04
C SER B 149 -16.78 6.19 3.53
N GLY B 150 -15.59 5.88 4.01
CA GLY B 150 -15.40 5.58 5.41
C GLY B 150 -14.85 4.19 5.58
N LYS B 151 -14.89 3.39 4.52
CA LYS B 151 -14.38 2.02 4.54
C LYS B 151 -12.89 2.06 4.83
N ILE B 152 -12.40 1.09 5.61
CA ILE B 152 -10.98 1.02 5.96
C ILE B 152 -10.53 -0.44 5.79
N VAL B 153 -9.29 -0.64 5.37
CA VAL B 153 -8.72 -1.96 5.20
C VAL B 153 -7.34 -1.95 5.85
N LEU B 154 -7.12 -2.83 6.82
CA LEU B 154 -5.84 -2.88 7.51
C LEU B 154 -5.14 -4.17 7.11
N THR B 155 -4.07 -4.04 6.36
CA THR B 155 -3.31 -5.18 5.87
C THR B 155 -1.90 -5.28 6.46
N GLY B 156 -1.43 -6.50 6.70
CA GLY B 156 -0.09 -6.66 7.21
C GLY B 156 0.09 -7.07 8.65
N ALA B 157 -0.97 -7.02 9.43
CA ALA B 157 -0.87 -7.41 10.83
C ALA B 157 -0.39 -8.83 10.97
N LYS B 158 0.71 -9.02 11.68
CA LYS B 158 1.23 -10.36 11.91
C LYS B 158 0.48 -11.04 13.05
N GLN B 159 -0.33 -10.26 13.79
CA GLN B 159 -1.11 -10.80 14.90
C GLN B 159 -2.31 -9.90 15.21
N ARG B 160 -3.45 -10.52 15.51
CA ARG B 160 -4.72 -9.84 15.84
C ARG B 160 -4.71 -8.49 16.58
N GLU B 161 -3.81 -8.32 17.55
CA GLU B 161 -3.74 -7.09 18.33
C GLU B 161 -3.34 -5.86 17.52
N GLU B 162 -2.56 -6.09 16.48
CA GLU B 162 -2.08 -5.02 15.61
C GLU B 162 -3.17 -4.40 14.74
N ILE B 163 -4.18 -5.19 14.36
CA ILE B 163 -5.29 -4.68 13.55
C ILE B 163 -6.13 -3.73 14.41
N TYR B 164 -6.37 -4.14 15.63
CA TYR B 164 -7.16 -3.36 16.58
C TYR B 164 -6.41 -2.13 17.06
N GLN B 165 -5.12 -2.27 17.31
CA GLN B 165 -4.33 -1.13 17.75
C GLN B 165 -4.08 -0.13 16.62
N ALA B 166 -3.98 -0.60 15.39
CA ALA B 166 -3.77 0.30 14.26
C ALA B 166 -5.01 1.18 14.11
N PHE B 167 -6.18 0.60 14.32
CA PHE B 167 -7.42 1.35 14.20
C PHE B 167 -7.57 2.39 15.31
N GLU B 168 -7.02 2.10 16.47
CA GLU B 168 -7.08 3.05 17.58
C GLU B 168 -6.30 4.29 17.23
N ALA B 169 -5.18 4.08 16.53
CA ALA B 169 -4.29 5.16 16.11
C ALA B 169 -4.87 6.03 15.01
N ILE B 170 -5.54 5.42 14.04
CA ILE B 170 -6.12 6.16 12.93
C ILE B 170 -7.51 6.75 13.20
N TYR B 171 -8.33 6.08 13.99
CA TYR B 171 -9.68 6.59 14.26
C TYR B 171 -9.77 8.08 14.64
N PRO B 172 -9.13 8.50 15.77
CA PRO B 172 -9.19 9.92 16.16
C PRO B 172 -8.66 10.92 15.12
N VAL B 173 -7.92 10.40 14.14
CA VAL B 173 -7.40 11.25 13.07
C VAL B 173 -8.53 11.38 12.04
N LEU B 174 -9.11 10.26 11.65
CA LEU B 174 -10.19 10.21 10.67
C LEU B 174 -11.38 11.02 11.14
N SER B 175 -11.71 10.89 12.42
CA SER B 175 -12.83 11.60 13.00
C SER B 175 -12.60 13.10 12.98
N GLU B 176 -11.34 13.51 12.87
CA GLU B 176 -10.96 14.90 12.83
C GLU B 176 -10.86 15.39 11.38
N PHE B 177 -10.97 14.46 10.44
CA PHE B 177 -10.91 14.74 9.02
C PHE B 177 -12.20 14.38 8.27
N ARG B 178 -13.33 14.32 8.95
CA ARG B 178 -14.53 14.01 8.21
C ARG B 178 -15.04 15.28 7.55
N LYS B 179 -15.83 15.11 6.49
CA LYS B 179 -16.37 16.25 5.77
C LYS B 179 -17.46 17.02 6.52
N MET B 180 -17.49 18.33 6.24
CA MET B 180 -18.45 19.28 6.83
C MET B 180 -18.02 19.71 8.24
#